data_8HO0
#
_entry.id   8HO0
#
_cell.length_a   91.157
_cell.length_b   106.741
_cell.length_c   42.200
_cell.angle_alpha   90.00
_cell.angle_beta   90.00
_cell.angle_gamma   90.00
#
_symmetry.space_group_name_H-M   'P 21 21 2'
#
loop_
_entity.id
_entity.type
_entity.pdbx_description
1 polymer 'Cytochrome P450-F5053'
2 non-polymer 'PROTOPORPHYRIN IX CONTAINING FE'
3 non-polymer (3~{S},8~{a}~{S})-3-[(7-fluoranyl-1~{H}-indol-3-yl)methyl]-2,3,6,7,8,8~{a}-hexahydropyrrolo[1,2-a]pyrazine-1,4-dione
4 non-polymer 'CALCIUM ION'
5 water water
#
_entity_poly.entity_id   1
_entity_poly.type   'polypeptide(L)'
_entity_poly.pdbx_seq_one_letter_code
;GSTLTYPFHDWSQELSPRYAQLRASDAPVCPVVSEGTGDPLWLVTRYATAVKLLEDSRFSSEAAQASGAPRQSPVELRAP
GTRGDAIAMLREAGLRSVLADGLGPRAVRRHQGWINDLAETLMSELASREGTFDLAADFVEPLSSALVSRTLLGELSADE
RDLLAHCADTGLRFCGVTHEEQVHAFTQMHEFFLEHARRLAGTPGEHLLKLIAEAPVDQGPLSDEALAEAGSLLVVAGFP
TSSGFLCGALLTLLRHPDAVQELHAHPERVPSAVEELLRYTPLSTGSVKRMATEDLEIDGVRIKAGEVVMVSLEAVNHDP
DAFEDPDVFRPGREGPMHFGFGRGRHFCPGNRLARCVIEATVRAVARRPGLRLAVAPEEISWHEGLFFRRPRAIPATW
;
_entity_poly.pdbx_strand_id   A
#
loop_
_chem_comp.id
_chem_comp.type
_chem_comp.name
_chem_comp.formula
3ZI non-polymer (3~{S},8~{a}~{S})-3-[(7-fluoranyl-1~{H}-indol-3-yl)methyl]-2,3,6,7,8,8~{a}-hexahydropyrrolo[1,2-a]pyrazine-1,4-dione 'C16 H16 F N3 O2'
CA non-polymer 'CALCIUM ION' 'Ca 2'
HEM non-polymer 'PROTOPORPHYRIN IX CONTAINING FE' 'C34 H32 Fe N4 O4'
#
# COMPACT_ATOMS: atom_id res chain seq x y z
N THR A 3 -17.37 -13.47 18.00
CA THR A 3 -17.96 -14.21 16.88
C THR A 3 -17.80 -13.49 15.54
N LEU A 4 -17.45 -12.20 15.56
CA LEU A 4 -17.26 -11.43 14.33
C LEU A 4 -15.98 -11.87 13.60
N THR A 5 -16.11 -12.30 12.34
CA THR A 5 -14.94 -12.74 11.59
C THR A 5 -14.34 -11.59 10.78
N TYR A 6 -13.05 -11.71 10.52
CA TYR A 6 -12.24 -10.67 9.90
C TYR A 6 -11.48 -11.28 8.73
N PRO A 7 -11.36 -10.56 7.59
CA PRO A 7 -11.79 -9.19 7.32
C PRO A 7 -13.27 -9.11 6.96
N PHE A 8 -13.68 -7.96 6.47
CA PHE A 8 -15.10 -7.67 6.25
C PHE A 8 -15.48 -7.68 4.78
N HIS A 9 -14.62 -8.21 3.91
CA HIS A 9 -14.94 -8.48 2.51
C HIS A 9 -15.35 -7.21 1.74
N ASP A 10 -14.91 -6.03 2.17
CA ASP A 10 -15.22 -4.78 1.46
C ASP A 10 -14.13 -4.55 0.42
N TRP A 11 -14.26 -5.27 -0.70
CA TRP A 11 -13.21 -5.25 -1.73
C TRP A 11 -13.25 -4.02 -2.62
N SER A 12 -14.34 -3.25 -2.62
CA SER A 12 -14.45 -2.04 -3.43
C SER A 12 -14.10 -0.84 -2.55
N GLN A 13 -14.38 0.36 -3.05
CA GLN A 13 -14.12 1.54 -2.21
C GLN A 13 -15.20 1.78 -1.18
N GLU A 14 -16.28 1.00 -1.19
CA GLU A 14 -17.32 1.10 -0.18
C GLU A 14 -16.85 0.38 1.09
N LEU A 15 -16.49 1.17 2.11
CA LEU A 15 -16.01 0.61 3.37
C LEU A 15 -17.11 -0.18 4.06
N SER A 16 -16.74 -1.32 4.63
CA SER A 16 -17.70 -2.12 5.38
C SER A 16 -18.35 -1.29 6.49
N PRO A 17 -19.66 -1.41 6.68
CA PRO A 17 -20.32 -0.72 7.80
C PRO A 17 -19.80 -1.18 9.17
N ARG A 18 -19.22 -2.37 9.26
CA ARG A 18 -18.71 -2.86 10.54
C ARG A 18 -17.71 -1.89 11.18
N TYR A 19 -16.93 -1.18 10.35
CA TYR A 19 -15.90 -0.31 10.91
C TYR A 19 -16.53 0.83 11.72
N ALA A 20 -17.59 1.45 11.20
CA ALA A 20 -18.29 2.48 11.96
C ALA A 20 -18.98 1.88 13.18
N GLN A 21 -19.57 0.70 13.02
CA GLN A 21 -20.18 -0.01 14.15
C GLN A 21 -19.20 -0.22 15.30
N LEU A 22 -18.00 -0.72 14.98
CA LEU A 22 -17.02 -0.95 16.03
C LEU A 22 -16.48 0.37 16.57
N ARG A 23 -16.28 1.36 15.70
CA ARG A 23 -15.78 2.66 16.15
C ARG A 23 -16.75 3.27 17.16
N ALA A 24 -18.05 3.10 16.93
CA ALA A 24 -19.07 3.65 17.82
C ALA A 24 -19.36 2.78 19.05
N SER A 25 -18.87 1.54 19.09
CA SER A 25 -19.22 0.70 20.22
C SER A 25 -18.53 1.18 21.49
N ASP A 26 -18.94 0.60 22.60
CA ASP A 26 -18.57 1.06 23.93
C ASP A 26 -17.19 0.57 24.37
N ALA A 27 -16.40 -0.01 23.48
CA ALA A 27 -15.07 -0.50 23.82
C ALA A 27 -14.03 0.07 22.87
N PRO A 28 -12.82 0.39 23.37
CA PRO A 28 -11.77 0.96 22.50
C PRO A 28 -11.03 -0.07 21.66
N VAL A 29 -11.20 -1.35 21.94
CA VAL A 29 -10.65 -2.42 21.12
C VAL A 29 -11.63 -3.58 21.16
N CYS A 30 -11.83 -4.23 20.01
CA CYS A 30 -12.89 -5.22 19.90
C CYS A 30 -12.34 -6.56 19.46
N PRO A 31 -12.85 -7.67 20.01
CA PRO A 31 -12.34 -8.99 19.63
C PRO A 31 -12.93 -9.38 18.28
N VAL A 32 -12.09 -9.95 17.42
CA VAL A 32 -12.55 -10.56 16.18
C VAL A 32 -11.89 -11.93 16.05
N VAL A 33 -12.31 -12.69 15.05
CA VAL A 33 -11.71 -13.98 14.76
C VAL A 33 -11.26 -13.97 13.30
N SER A 34 -10.01 -14.33 13.06
CA SER A 34 -9.52 -14.42 11.69
C SER A 34 -10.30 -15.46 10.93
N GLU A 35 -10.91 -15.04 9.81
CA GLU A 35 -11.62 -15.99 8.95
C GLU A 35 -10.68 -17.06 8.39
N GLY A 36 -9.43 -16.70 8.13
CA GLY A 36 -8.53 -17.60 7.42
C GLY A 36 -7.84 -18.63 8.30
N THR A 37 -7.58 -18.28 9.56
CA THR A 37 -6.94 -19.20 10.49
C THR A 37 -7.76 -19.54 11.72
N GLY A 38 -8.86 -18.84 11.97
CA GLY A 38 -9.54 -19.01 13.24
C GLY A 38 -8.85 -18.36 14.43
N ASP A 39 -7.74 -17.65 14.21
CA ASP A 39 -7.01 -17.04 15.31
C ASP A 39 -7.82 -15.88 15.89
N PRO A 40 -7.87 -15.78 17.22
CA PRO A 40 -8.45 -14.58 17.82
C PRO A 40 -7.51 -13.39 17.70
N LEU A 41 -8.09 -12.23 17.43
CA LEU A 41 -7.37 -11.00 17.21
C LEU A 41 -8.12 -9.87 17.89
N TRP A 42 -7.40 -8.80 18.19
CA TRP A 42 -7.99 -7.53 18.63
C TRP A 42 -8.00 -6.53 17.46
N LEU A 43 -9.02 -5.67 17.42
CA LEU A 43 -9.16 -4.72 16.32
C LEU A 43 -9.44 -3.31 16.86
N VAL A 44 -8.61 -2.34 16.47
CA VAL A 44 -8.75 -0.93 16.84
C VAL A 44 -9.24 -0.18 15.61
N THR A 45 -10.25 0.69 15.79
CA THR A 45 -10.80 1.50 14.70
C THR A 45 -10.80 3.00 14.98
N ARG A 46 -10.41 3.43 16.19
CA ARG A 46 -10.46 4.84 16.58
C ARG A 46 -9.08 5.47 16.49
N TYR A 47 -9.03 6.68 15.91
CA TYR A 47 -7.78 7.43 15.77
C TYR A 47 -7.01 7.55 17.09
N ALA A 48 -7.68 8.01 18.16
CA ALA A 48 -6.98 8.27 19.41
C ALA A 48 -6.35 7.01 19.98
N THR A 49 -7.07 5.89 19.89
CA THR A 49 -6.55 4.61 20.35
C THR A 49 -5.44 4.10 19.44
N ALA A 50 -5.61 4.28 18.12
CA ALA A 50 -4.59 3.85 17.16
C ALA A 50 -3.26 4.53 17.43
N VAL A 51 -3.29 5.84 17.68
CA VAL A 51 -2.05 6.58 17.95
C VAL A 51 -1.33 5.98 19.13
N LYS A 52 -2.08 5.74 20.20
CA LYS A 52 -1.51 5.17 21.42
C LYS A 52 -0.88 3.81 21.16
N LEU A 53 -1.58 2.96 20.40
CA LEU A 53 -1.07 1.62 20.12
C LEU A 53 0.18 1.67 19.25
N LEU A 54 0.10 2.35 18.12
CA LEU A 54 1.18 2.31 17.14
C LEU A 54 2.43 3.07 17.59
N GLU A 55 2.33 3.92 18.61
CA GLU A 55 3.50 4.61 19.13
C GLU A 55 4.05 3.97 20.40
N ASP A 56 3.51 2.82 20.83
CA ASP A 56 4.02 2.06 21.96
C ASP A 56 4.82 0.88 21.41
N SER A 57 6.15 0.95 21.56
CA SER A 57 7.02 -0.06 20.98
C SER A 57 6.91 -1.42 21.67
N ARG A 58 6.24 -1.50 22.82
CA ARG A 58 5.96 -2.80 23.41
C ARG A 58 4.92 -3.57 22.61
N PHE A 59 4.22 -2.92 21.69
CA PHE A 59 3.42 -3.62 20.68
C PHE A 59 4.31 -3.77 19.45
N SER A 60 4.79 -5.00 19.22
CA SER A 60 5.88 -5.25 18.29
C SER A 60 5.37 -5.66 16.91
N SER A 61 5.87 -4.99 15.86
CA SER A 61 5.58 -5.43 14.51
C SER A 61 6.30 -6.73 14.18
N GLU A 62 7.58 -6.84 14.56
CA GLU A 62 8.35 -8.01 14.14
C GLU A 62 7.77 -9.28 14.74
N ALA A 63 7.27 -9.20 15.98
CA ALA A 63 6.67 -10.38 16.61
C ALA A 63 5.35 -10.76 15.95
N ALA A 64 4.62 -9.80 15.37
CA ALA A 64 3.37 -10.10 14.68
C ALA A 64 3.58 -10.60 13.24
N GLN A 65 4.69 -10.22 12.60
CA GLN A 65 5.05 -10.80 11.29
C GLN A 65 5.71 -12.16 11.40
N ALA A 66 6.16 -12.54 12.59
CA ALA A 66 6.97 -13.76 12.74
C ALA A 66 6.16 -15.00 12.40
N SER A 67 6.88 -16.03 11.93
CA SER A 67 6.30 -17.36 11.77
C SER A 67 5.58 -17.79 13.04
N GLY A 68 4.39 -18.35 12.86
CA GLY A 68 3.64 -18.87 13.98
C GLY A 68 2.78 -17.87 14.73
N ALA A 69 2.85 -16.58 14.39
CA ALA A 69 2.05 -15.60 15.11
C ALA A 69 0.56 -15.80 14.83
N PRO A 70 -0.32 -15.43 15.77
CA PRO A 70 -1.74 -15.25 15.42
C PRO A 70 -1.84 -14.26 14.28
N ARG A 71 -2.65 -14.57 13.27
CA ARG A 71 -2.59 -13.73 12.09
C ARG A 71 -3.93 -13.66 11.37
N GLN A 72 -4.08 -12.60 10.57
CA GLN A 72 -5.26 -12.39 9.74
C GLN A 72 -5.15 -13.03 8.36
N SER A 73 -3.92 -13.28 7.87
CA SER A 73 -3.74 -13.90 6.55
C SER A 73 -4.00 -15.40 6.62
N PRO A 74 -4.58 -15.99 5.56
CA PRO A 74 -4.76 -17.46 5.58
C PRO A 74 -3.45 -18.21 5.57
N VAL A 75 -2.39 -17.64 5.00
CA VAL A 75 -1.08 -18.30 4.97
C VAL A 75 -0.04 -17.31 5.47
N GLU A 76 1.10 -17.84 5.91
CA GLU A 76 2.23 -16.96 6.23
C GLU A 76 2.73 -16.30 4.96
N LEU A 77 3.08 -15.00 5.08
CA LEU A 77 3.48 -14.17 3.95
C LEU A 77 4.99 -14.21 3.73
N ARG A 78 5.50 -15.42 3.50
CA ARG A 78 6.93 -15.66 3.31
C ARG A 78 7.09 -16.96 2.53
N ALA A 79 8.24 -17.08 1.88
CA ALA A 79 8.61 -18.38 1.32
C ALA A 79 8.92 -19.34 2.46
N PRO A 80 8.43 -20.59 2.41
CA PRO A 80 8.75 -21.54 3.47
C PRO A 80 10.24 -21.67 3.70
N GLY A 81 10.64 -21.68 4.97
CA GLY A 81 12.03 -21.81 5.32
C GLY A 81 12.79 -20.51 5.39
N THR A 82 12.21 -19.40 4.96
CA THR A 82 12.89 -18.11 5.04
C THR A 82 12.40 -17.33 6.25
N ARG A 83 13.18 -16.30 6.62
CA ARG A 83 12.90 -15.51 7.81
C ARG A 83 11.63 -14.68 7.62
N GLY A 84 11.53 -13.97 6.50
CA GLY A 84 10.32 -13.24 6.18
C GLY A 84 10.20 -11.87 6.82
N ASP A 85 11.31 -11.30 7.30
CA ASP A 85 11.30 -9.97 7.90
C ASP A 85 12.51 -9.24 7.34
N ALA A 86 12.39 -8.81 6.09
CA ALA A 86 13.54 -8.23 5.40
C ALA A 86 13.92 -6.89 6.01
N ILE A 87 12.93 -6.03 6.29
CA ILE A 87 13.24 -4.65 6.69
C ILE A 87 13.98 -4.65 8.02
N ALA A 88 13.63 -5.56 8.92
CA ALA A 88 14.39 -5.70 10.16
C ALA A 88 15.79 -6.21 9.87
N MET A 89 15.91 -7.25 9.05
CA MET A 89 17.21 -7.82 8.73
C MET A 89 18.15 -6.78 8.11
N LEU A 90 17.64 -5.95 7.21
CA LEU A 90 18.47 -4.93 6.58
C LEU A 90 18.93 -3.88 7.60
N ARG A 91 17.97 -3.36 8.38
CA ARG A 91 18.33 -2.42 9.44
C ARG A 91 19.26 -3.06 10.45
N GLU A 92 19.08 -4.37 10.71
CA GLU A 92 19.99 -5.09 11.60
C GLU A 92 21.39 -5.19 11.00
N ALA A 93 21.50 -5.49 9.71
CA ALA A 93 22.81 -5.53 9.05
C ALA A 93 23.45 -4.14 8.92
N GLY A 94 22.80 -3.11 9.46
CA GLY A 94 23.37 -1.77 9.47
C GLY A 94 23.15 -0.98 8.20
N LEU A 95 21.96 -1.08 7.59
CA LEU A 95 21.73 -0.48 6.28
C LEU A 95 20.73 0.67 6.31
N ARG A 96 20.47 1.26 7.49
CA ARG A 96 19.52 2.37 7.55
C ARG A 96 19.95 3.52 6.63
N SER A 97 21.23 3.88 6.65
CA SER A 97 21.68 5.01 5.83
C SER A 97 21.50 4.72 4.35
N VAL A 98 21.61 3.45 3.95
CA VAL A 98 21.40 3.11 2.54
C VAL A 98 19.91 3.16 2.20
N LEU A 99 19.06 2.68 3.11
CA LEU A 99 17.62 2.82 2.89
C LEU A 99 17.19 4.28 2.80
N ALA A 100 17.88 5.18 3.50
CA ALA A 100 17.55 6.60 3.39
C ALA A 100 18.01 7.16 2.04
N ASP A 101 19.20 6.78 1.58
CA ASP A 101 19.66 7.24 0.28
C ASP A 101 18.77 6.71 -0.84
N GLY A 102 18.26 5.49 -0.71
CA GLY A 102 17.45 4.93 -1.77
C GLY A 102 16.01 5.34 -1.74
N LEU A 103 15.49 5.72 -0.56
CA LEU A 103 14.08 6.05 -0.43
C LEU A 103 13.80 7.49 -0.07
N GLY A 104 14.80 8.23 0.41
CA GLY A 104 14.58 9.53 0.99
C GLY A 104 14.51 10.68 -0.01
N PRO A 105 14.59 11.91 0.51
CA PRO A 105 14.50 13.09 -0.37
C PRO A 105 15.55 13.14 -1.48
N ARG A 106 16.75 12.61 -1.26
CA ARG A 106 17.73 12.59 -2.35
C ARG A 106 17.29 11.66 -3.47
N ALA A 107 16.67 10.51 -3.13
CA ALA A 107 16.13 9.64 -4.16
C ALA A 107 15.03 10.33 -4.94
N VAL A 108 14.16 11.07 -4.23
CA VAL A 108 13.09 11.81 -4.89
C VAL A 108 13.67 12.84 -5.86
N ARG A 109 14.71 13.57 -5.43
CA ARG A 109 15.33 14.54 -6.32
C ARG A 109 15.93 13.87 -7.55
N ARG A 110 16.45 12.65 -7.39
CA ARG A 110 17.02 11.91 -8.52
C ARG A 110 15.96 11.45 -9.52
N HIS A 111 14.75 11.13 -9.05
CA HIS A 111 13.79 10.43 -9.88
C HIS A 111 12.59 11.27 -10.29
N GLN A 112 12.33 12.39 -9.62
CA GLN A 112 11.06 13.06 -9.81
C GLN A 112 10.92 13.60 -11.23
N GLY A 113 12.05 13.97 -11.85
CA GLY A 113 11.99 14.51 -13.21
C GLY A 113 11.42 13.50 -14.19
N TRP A 114 12.00 12.30 -14.22
CA TRP A 114 11.51 11.35 -15.21
C TRP A 114 10.14 10.81 -14.81
N ILE A 115 9.85 10.72 -13.50
CA ILE A 115 8.54 10.26 -13.06
C ILE A 115 7.46 11.18 -13.61
N ASN A 116 7.69 12.49 -13.52
CA ASN A 116 6.71 13.43 -14.04
C ASN A 116 6.70 13.46 -15.56
N ASP A 117 7.87 13.33 -16.20
CA ASP A 117 7.88 13.18 -17.66
C ASP A 117 7.06 11.96 -18.08
N LEU A 118 7.21 10.85 -17.35
CA LEU A 118 6.50 9.64 -17.71
C LEU A 118 5.00 9.79 -17.52
N ALA A 119 4.57 10.38 -16.41
CA ALA A 119 3.13 10.54 -16.22
C ALA A 119 2.53 11.41 -17.32
N GLU A 120 3.22 12.49 -17.70
CA GLU A 120 2.74 13.33 -18.79
C GLU A 120 2.73 12.57 -20.10
N THR A 121 3.81 11.85 -20.41
CA THR A 121 3.88 11.09 -21.65
C THR A 121 2.72 10.09 -21.73
N LEU A 122 2.46 9.39 -20.62
CA LEU A 122 1.38 8.42 -20.60
C LEU A 122 0.03 9.09 -20.78
N MET A 123 -0.23 10.16 -20.03
CA MET A 123 -1.49 10.89 -20.21
C MET A 123 -1.62 11.45 -21.62
N SER A 124 -0.52 11.98 -22.15
CA SER A 124 -0.58 12.60 -23.47
C SER A 124 -0.89 11.57 -24.54
N GLU A 125 -0.28 10.40 -24.45
CA GLU A 125 -0.59 9.32 -25.40
C GLU A 125 -2.05 8.91 -25.32
N LEU A 126 -2.61 8.84 -24.11
CA LEU A 126 -4.03 8.52 -23.97
C LEU A 126 -4.93 9.63 -24.52
N ALA A 127 -4.50 10.89 -24.42
CA ALA A 127 -5.33 11.97 -24.91
C ALA A 127 -5.28 12.10 -26.42
N SER A 128 -4.23 11.58 -27.05
CA SER A 128 -4.15 11.55 -28.50
C SER A 128 -4.95 10.42 -29.11
N ARG A 129 -5.44 9.48 -28.31
CA ARG A 129 -6.18 8.34 -28.85
C ARG A 129 -7.64 8.71 -29.08
N GLU A 130 -8.18 8.23 -30.19
CA GLU A 130 -9.61 8.31 -30.43
C GLU A 130 -10.30 7.15 -29.69
N GLY A 131 -11.35 7.47 -28.95
CA GLY A 131 -12.08 6.44 -28.21
C GLY A 131 -11.73 6.42 -26.73
N THR A 132 -12.03 5.29 -26.10
CA THR A 132 -11.82 5.15 -24.66
C THR A 132 -10.53 4.38 -24.38
N PHE A 133 -10.14 4.39 -23.10
CA PHE A 133 -8.91 3.72 -22.70
C PHE A 133 -9.10 3.25 -21.27
N ASP A 134 -8.07 2.62 -20.73
CA ASP A 134 -8.15 1.96 -19.44
C ASP A 134 -7.05 2.55 -18.57
N LEU A 135 -7.42 3.39 -17.61
CA LEU A 135 -6.41 4.05 -16.79
C LEU A 135 -5.62 3.06 -15.95
N ALA A 136 -6.21 1.91 -15.64
CA ALA A 136 -5.47 0.94 -14.84
C ALA A 136 -4.35 0.30 -15.66
N ALA A 137 -4.69 -0.25 -16.83
CA ALA A 137 -3.68 -0.89 -17.65
C ALA A 137 -2.82 0.09 -18.43
N ASP A 138 -3.34 1.28 -18.78
CA ASP A 138 -2.63 2.16 -19.71
C ASP A 138 -1.90 3.31 -19.03
N PHE A 139 -2.20 3.59 -17.76
CA PHE A 139 -1.49 4.62 -17.01
C PHE A 139 -0.88 4.06 -15.73
N VAL A 140 -1.69 3.45 -14.84
CA VAL A 140 -1.17 3.05 -13.54
C VAL A 140 -0.14 1.94 -13.69
N GLU A 141 -0.47 0.90 -14.44
CA GLU A 141 0.46 -0.23 -14.55
C GLU A 141 1.81 0.19 -15.13
N PRO A 142 1.90 0.95 -16.24
CA PRO A 142 3.25 1.36 -16.67
C PRO A 142 3.94 2.29 -15.69
N LEU A 143 3.20 3.19 -15.05
CA LEU A 143 3.85 4.14 -14.14
C LEU A 143 4.37 3.43 -12.90
N SER A 144 3.56 2.54 -12.33
CA SER A 144 4.00 1.85 -11.12
C SER A 144 5.07 0.82 -11.45
N SER A 145 4.99 0.18 -12.63
CA SER A 145 6.09 -0.71 -13.03
C SER A 145 7.39 0.06 -13.22
N ALA A 146 7.32 1.23 -13.84
CA ALA A 146 8.54 2.00 -14.00
C ALA A 146 9.11 2.44 -12.65
N LEU A 147 8.23 2.82 -11.70
CA LEU A 147 8.69 3.17 -10.36
C LEU A 147 9.44 2.01 -9.73
N VAL A 148 8.83 0.83 -9.74
CA VAL A 148 9.42 -0.34 -9.10
C VAL A 148 10.74 -0.70 -9.79
N SER A 149 10.76 -0.64 -11.12
CA SER A 149 11.99 -0.98 -11.85
C SER A 149 13.10 0.02 -11.59
N ARG A 150 12.84 1.29 -11.83
CA ARG A 150 13.92 2.27 -11.80
C ARG A 150 14.37 2.64 -10.40
N THR A 151 13.47 2.62 -9.41
CA THR A 151 13.85 3.08 -8.09
C THR A 151 14.11 1.96 -7.09
N LEU A 152 13.57 0.77 -7.32
CA LEU A 152 13.66 -0.31 -6.34
C LEU A 152 14.44 -1.52 -6.85
N LEU A 153 14.04 -2.13 -7.97
CA LEU A 153 14.57 -3.45 -8.32
C LEU A 153 15.66 -3.44 -9.38
N GLY A 154 15.61 -2.54 -10.35
CA GLY A 154 16.39 -2.65 -11.56
C GLY A 154 15.51 -2.99 -12.75
N GLU A 155 16.12 -2.95 -13.93
CA GLU A 155 15.29 -3.08 -15.13
C GLU A 155 14.85 -4.53 -15.29
N LEU A 156 13.54 -4.70 -15.43
CA LEU A 156 12.91 -5.99 -15.63
C LEU A 156 12.42 -6.12 -17.06
N SER A 157 12.50 -7.33 -17.60
CA SER A 157 11.80 -7.62 -18.84
C SER A 157 10.31 -7.71 -18.57
N ALA A 158 9.53 -7.61 -19.64
CA ALA A 158 8.08 -7.68 -19.50
C ALA A 158 7.66 -8.97 -18.81
N ASP A 159 8.31 -10.09 -19.15
CA ASP A 159 7.95 -11.37 -18.55
C ASP A 159 8.25 -11.38 -17.05
N GLU A 160 9.42 -10.84 -16.67
CA GLU A 160 9.80 -10.76 -15.25
C GLU A 160 8.84 -9.88 -14.48
N ARG A 161 8.48 -8.73 -15.05
CA ARG A 161 7.49 -7.87 -14.40
C ARG A 161 6.16 -8.60 -14.22
N ASP A 162 5.73 -9.33 -15.25
CA ASP A 162 4.46 -10.04 -15.14
C ASP A 162 4.52 -11.11 -14.07
N LEU A 163 5.65 -11.83 -13.98
CA LEU A 163 5.81 -12.85 -12.95
C LEU A 163 5.68 -12.24 -11.56
N LEU A 164 6.44 -11.17 -11.30
CA LEU A 164 6.40 -10.56 -9.97
C LEU A 164 5.03 -10.02 -9.66
N ALA A 165 4.40 -9.37 -10.63
CA ALA A 165 3.06 -8.82 -10.41
C ALA A 165 2.07 -9.93 -10.10
N HIS A 166 2.15 -11.05 -10.84
CA HIS A 166 1.30 -12.18 -10.58
C HIS A 166 1.58 -12.78 -9.20
N CYS A 167 2.86 -12.88 -8.80
CA CYS A 167 3.17 -13.42 -7.48
C CYS A 167 2.60 -12.54 -6.38
N ALA A 168 2.68 -11.22 -6.55
CA ALA A 168 2.11 -10.31 -5.55
C ALA A 168 0.60 -10.47 -5.49
N ASP A 169 -0.08 -10.51 -6.64
CA ASP A 169 -1.53 -10.62 -6.63
C ASP A 169 -2.00 -11.96 -6.07
N THR A 170 -1.21 -13.01 -6.27
CA THR A 170 -1.59 -14.34 -5.82
C THR A 170 -1.28 -14.53 -4.35
N GLY A 171 -0.15 -13.96 -3.90
CA GLY A 171 0.25 -14.13 -2.51
C GLY A 171 -0.46 -13.21 -1.54
N LEU A 172 -0.82 -12.00 -1.96
CA LEU A 172 -1.32 -11.00 -1.02
C LEU A 172 -2.84 -10.95 -1.06
N ARG A 173 -3.45 -12.04 -0.55
CA ARG A 173 -4.86 -12.35 -0.71
C ARG A 173 -5.49 -12.86 0.57
N PHE A 174 -6.74 -12.46 0.81
CA PHE A 174 -7.54 -13.11 1.83
C PHE A 174 -8.27 -14.34 1.30
N CYS A 175 -8.58 -14.36 0.01
CA CYS A 175 -9.31 -15.46 -0.60
C CYS A 175 -9.14 -15.36 -2.11
N GLY A 176 -9.71 -16.34 -2.82
CA GLY A 176 -9.65 -16.38 -4.27
C GLY A 176 -8.64 -17.34 -4.83
N VAL A 177 -7.73 -17.86 -4.00
CA VAL A 177 -6.71 -18.82 -4.40
C VAL A 177 -6.59 -19.85 -3.30
N THR A 178 -6.08 -21.03 -3.64
CA THR A 178 -5.87 -22.04 -2.61
C THR A 178 -4.69 -21.65 -1.74
N HIS A 179 -4.64 -22.22 -0.53
CA HIS A 179 -3.53 -21.97 0.37
C HIS A 179 -2.19 -22.31 -0.27
N GLU A 180 -2.13 -23.44 -0.99
CA GLU A 180 -0.85 -23.84 -1.55
C GLU A 180 -0.44 -22.97 -2.73
N GLU A 181 -1.39 -22.50 -3.54
CA GLU A 181 -1.11 -21.50 -4.56
C GLU A 181 -0.56 -20.22 -3.93
N GLN A 182 -1.19 -19.77 -2.84
CA GLN A 182 -0.70 -18.59 -2.14
C GLN A 182 0.72 -18.74 -1.64
N VAL A 183 1.01 -19.85 -0.95
CA VAL A 183 2.38 -20.06 -0.47
C VAL A 183 3.35 -20.13 -1.63
N HIS A 184 2.98 -20.88 -2.68
CA HIS A 184 3.92 -21.06 -3.78
C HIS A 184 4.22 -19.74 -4.48
N ALA A 185 3.30 -18.79 -4.43
CA ALA A 185 3.58 -17.47 -5.01
C ALA A 185 4.77 -16.81 -4.32
N PHE A 186 4.87 -16.97 -3.00
CA PHE A 186 6.05 -16.47 -2.31
C PHE A 186 7.28 -17.30 -2.63
N THR A 187 7.12 -18.63 -2.74
CA THR A 187 8.25 -19.47 -3.14
C THR A 187 8.80 -19.07 -4.49
N GLN A 188 7.91 -18.82 -5.46
CA GLN A 188 8.36 -18.47 -6.81
C GLN A 188 9.11 -17.14 -6.79
N MET A 189 8.58 -16.16 -6.04
CA MET A 189 9.24 -14.86 -6.01
C MET A 189 10.61 -14.94 -5.33
N HIS A 190 10.69 -15.66 -4.21
CA HIS A 190 11.97 -15.86 -3.54
C HIS A 190 12.97 -16.54 -4.46
N GLU A 191 12.55 -17.62 -5.13
CA GLU A 191 13.46 -18.32 -6.02
C GLU A 191 13.84 -17.45 -7.22
N PHE A 192 12.93 -16.59 -7.69
CA PHE A 192 13.33 -15.60 -8.69
C PHE A 192 14.48 -14.73 -8.18
N PHE A 193 14.34 -14.18 -6.96
CA PHE A 193 15.39 -13.28 -6.49
C PHE A 193 16.66 -14.02 -6.07
N LEU A 194 16.57 -15.29 -5.65
CA LEU A 194 17.78 -16.08 -5.42
C LEU A 194 18.64 -16.16 -6.68
N GLU A 195 17.99 -16.22 -7.84
CA GLU A 195 18.67 -16.29 -9.14
C GLU A 195 19.01 -14.92 -9.71
N HIS A 196 18.22 -13.89 -9.43
CA HIS A 196 18.28 -12.65 -10.17
C HIS A 196 18.62 -11.40 -9.35
N ALA A 197 18.59 -11.45 -8.02
CA ALA A 197 18.78 -10.23 -7.22
C ALA A 197 20.13 -9.59 -7.49
N ARG A 198 21.21 -10.39 -7.43
CA ARG A 198 22.54 -9.84 -7.70
C ARG A 198 22.67 -9.38 -9.15
N ARG A 199 22.13 -10.16 -10.09
CA ARG A 199 22.12 -9.73 -11.48
C ARG A 199 21.45 -8.37 -11.63
N LEU A 200 20.31 -8.18 -10.96
CA LEU A 200 19.61 -6.91 -11.03
C LEU A 200 20.48 -5.79 -10.48
N ALA A 201 21.28 -6.09 -9.45
CA ALA A 201 22.17 -5.09 -8.89
C ALA A 201 23.28 -4.72 -9.87
N GLY A 202 23.65 -5.62 -10.79
CA GLY A 202 24.74 -5.32 -11.70
C GLY A 202 24.30 -4.74 -13.04
N THR A 203 23.44 -3.74 -13.01
CA THR A 203 22.93 -3.05 -14.18
C THR A 203 23.07 -1.56 -13.92
N PRO A 204 22.87 -0.73 -14.95
CA PRO A 204 22.88 0.72 -14.72
C PRO A 204 21.72 1.14 -13.83
N GLY A 205 21.91 2.24 -13.13
CA GLY A 205 20.86 2.83 -12.33
C GLY A 205 21.32 3.12 -10.92
N GLU A 206 20.38 3.65 -10.11
CA GLU A 206 20.60 3.83 -8.68
C GLU A 206 19.47 3.21 -7.89
N HIS A 207 18.87 2.14 -8.43
CA HIS A 207 17.77 1.47 -7.76
C HIS A 207 18.23 0.91 -6.41
N LEU A 208 17.28 0.87 -5.46
CA LEU A 208 17.61 0.54 -4.08
C LEU A 208 18.28 -0.83 -3.96
N LEU A 209 17.82 -1.84 -4.71
CA LEU A 209 18.41 -3.16 -4.59
C LEU A 209 19.89 -3.14 -4.99
N LYS A 210 20.27 -2.30 -5.96
CA LYS A 210 21.68 -2.08 -6.22
C LYS A 210 22.41 -1.49 -5.02
N LEU A 211 21.87 -0.41 -4.45
CA LEU A 211 22.56 0.24 -3.35
C LEU A 211 22.70 -0.71 -2.16
N ILE A 212 21.73 -1.58 -1.96
CA ILE A 212 21.83 -2.60 -0.93
C ILE A 212 22.93 -3.59 -1.27
N ALA A 213 22.99 -4.03 -2.53
CA ALA A 213 23.99 -5.05 -2.90
C ALA A 213 25.41 -4.47 -2.89
N GLU A 214 25.56 -3.18 -3.19
CA GLU A 214 26.86 -2.52 -3.25
C GLU A 214 27.39 -2.08 -1.90
N ALA A 215 26.55 -1.99 -0.87
CA ALA A 215 26.97 -1.42 0.41
C ALA A 215 27.87 -2.39 1.17
N PRO A 216 28.71 -1.88 2.08
CA PRO A 216 29.49 -2.74 2.99
C PRO A 216 28.65 -3.50 4.01
N LEU A 222 26.40 -9.19 1.95
CA LEU A 222 25.06 -9.77 2.09
C LEU A 222 24.89 -11.07 1.32
N SER A 223 24.38 -12.09 1.99
CA SER A 223 24.18 -13.38 1.35
C SER A 223 23.16 -13.25 0.21
N ASP A 224 23.16 -14.25 -0.67
CA ASP A 224 22.14 -14.31 -1.70
C ASP A 224 20.76 -14.45 -1.08
N GLU A 225 20.68 -15.03 0.12
CA GLU A 225 19.37 -15.26 0.72
C GLU A 225 18.83 -13.95 1.30
N ALA A 226 19.71 -13.14 1.88
CA ALA A 226 19.30 -11.83 2.40
C ALA A 226 18.92 -10.87 1.27
N LEU A 227 19.72 -10.82 0.21
CA LEU A 227 19.39 -9.96 -0.92
C LEU A 227 18.10 -10.42 -1.61
N ALA A 228 17.83 -11.73 -1.65
CA ALA A 228 16.57 -12.19 -2.23
C ALA A 228 15.39 -11.78 -1.35
N GLU A 229 15.55 -11.83 -0.04
CA GLU A 229 14.49 -11.37 0.84
C GLU A 229 14.25 -9.87 0.64
N ALA A 230 15.31 -9.10 0.37
CA ALA A 230 15.13 -7.68 0.09
C ALA A 230 14.33 -7.47 -1.20
N GLY A 231 14.61 -8.27 -2.23
CA GLY A 231 13.84 -8.13 -3.46
C GLY A 231 12.36 -8.40 -3.26
N SER A 232 12.03 -9.49 -2.54
CA SER A 232 10.63 -9.81 -2.27
C SER A 232 9.96 -8.69 -1.47
N LEU A 233 10.67 -8.16 -0.46
CA LEU A 233 10.14 -7.03 0.30
C LEU A 233 9.78 -5.86 -0.61
N LEU A 234 10.68 -5.51 -1.52
CA LEU A 234 10.43 -4.36 -2.37
C LEU A 234 9.26 -4.60 -3.32
N VAL A 235 9.09 -5.84 -3.81
CA VAL A 235 7.91 -6.15 -4.61
C VAL A 235 6.63 -6.01 -3.79
N VAL A 236 6.55 -6.68 -2.63
CA VAL A 236 5.25 -6.67 -1.94
C VAL A 236 4.97 -5.31 -1.32
N ALA A 237 6.03 -4.54 -0.98
CA ALA A 237 5.81 -3.24 -0.33
C ALA A 237 5.55 -2.14 -1.33
N GLY A 238 6.09 -2.25 -2.54
CA GLY A 238 6.02 -1.16 -3.50
C GLY A 238 5.09 -1.35 -4.68
N PHE A 239 4.81 -2.60 -5.08
CA PHE A 239 4.12 -2.83 -6.34
C PHE A 239 2.60 -2.85 -6.13
N PRO A 240 2.03 -3.79 -5.35
CA PRO A 240 0.55 -3.80 -5.24
C PRO A 240 0.01 -2.59 -4.52
N THR A 241 0.83 -1.99 -3.65
CA THR A 241 0.43 -0.81 -2.91
C THR A 241 0.32 0.40 -3.83
N SER A 242 1.39 0.70 -4.57
CA SER A 242 1.37 1.87 -5.46
C SER A 242 0.31 1.69 -6.55
N SER A 243 0.26 0.51 -7.17
CA SER A 243 -0.72 0.31 -8.23
C SER A 243 -2.15 0.37 -7.68
N GLY A 244 -2.41 -0.29 -6.55
CA GLY A 244 -3.73 -0.17 -5.93
C GLY A 244 -4.08 1.26 -5.57
N PHE A 245 -3.13 1.97 -4.95
CA PHE A 245 -3.47 3.31 -4.50
C PHE A 245 -3.68 4.25 -5.69
N LEU A 246 -2.81 4.18 -6.70
CA LEU A 246 -2.99 5.07 -7.83
C LEU A 246 -4.31 4.82 -8.55
N CYS A 247 -4.71 3.55 -8.71
CA CYS A 247 -6.03 3.26 -9.27
C CYS A 247 -7.14 3.87 -8.43
N GLY A 248 -7.06 3.67 -7.12
CA GLY A 248 -8.11 4.20 -6.26
C GLY A 248 -8.14 5.71 -6.21
N ALA A 249 -6.97 6.36 -6.29
CA ALA A 249 -6.94 7.82 -6.29
C ALA A 249 -7.49 8.40 -7.58
N LEU A 250 -7.25 7.72 -8.71
CA LEU A 250 -7.83 8.17 -9.97
C LEU A 250 -9.34 8.07 -9.92
N LEU A 251 -9.85 6.96 -9.37
CA LEU A 251 -11.30 6.87 -9.22
C LEU A 251 -11.82 8.01 -8.38
N THR A 252 -11.15 8.34 -7.26
CA THR A 252 -11.58 9.46 -6.43
C THR A 252 -11.59 10.77 -7.21
N LEU A 253 -10.50 11.05 -7.94
CA LEU A 253 -10.46 12.30 -8.69
C LEU A 253 -11.55 12.33 -9.76
N LEU A 254 -11.77 11.21 -10.46
CA LEU A 254 -12.77 11.23 -11.53
C LEU A 254 -14.18 11.39 -10.99
N ARG A 255 -14.40 11.09 -9.72
CA ARG A 255 -15.70 11.31 -9.09
C ARG A 255 -15.82 12.70 -8.48
N HIS A 256 -14.77 13.52 -8.52
CA HIS A 256 -14.81 14.86 -7.94
C HIS A 256 -14.31 15.89 -8.95
N PRO A 257 -15.07 16.11 -10.04
CA PRO A 257 -14.63 17.08 -11.05
C PRO A 257 -14.50 18.50 -10.55
N ASP A 258 -15.30 18.92 -9.57
CA ASP A 258 -15.11 20.25 -8.99
C ASP A 258 -13.73 20.38 -8.33
N ALA A 259 -13.34 19.36 -7.55
CA ALA A 259 -12.02 19.39 -6.92
C ALA A 259 -10.92 19.43 -7.96
N VAL A 260 -11.06 18.63 -9.03
CA VAL A 260 -10.05 18.64 -10.09
C VAL A 260 -9.97 20.02 -10.73
N GLN A 261 -11.13 20.65 -10.95
CA GLN A 261 -11.14 21.94 -11.62
C GLN A 261 -10.43 22.98 -10.76
N GLU A 262 -10.61 22.88 -9.43
CA GLU A 262 -9.88 23.73 -8.50
C GLU A 262 -8.37 23.50 -8.59
N LEU A 263 -7.96 22.25 -8.77
CA LEU A 263 -6.54 21.95 -8.90
C LEU A 263 -5.98 22.45 -10.22
N HIS A 264 -6.80 22.38 -11.27
CA HIS A 264 -6.39 22.94 -12.56
C HIS A 264 -6.10 24.42 -12.43
N ALA A 265 -6.98 25.15 -11.75
CA ALA A 265 -6.86 26.61 -11.57
C ALA A 265 -5.76 26.99 -10.61
N HIS A 266 -5.53 26.18 -9.58
CA HIS A 266 -4.64 26.50 -8.47
C HIS A 266 -3.69 25.33 -8.26
N PRO A 267 -2.68 25.19 -9.13
CA PRO A 267 -1.77 24.05 -9.01
C PRO A 267 -1.04 24.02 -7.67
N GLU A 268 -0.97 25.14 -6.95
CA GLU A 268 -0.33 25.11 -5.64
C GLU A 268 -1.16 24.31 -4.64
N ARG A 269 -2.38 23.96 -4.97
CA ARG A 269 -3.20 23.19 -4.04
C ARG A 269 -3.06 21.68 -4.23
N VAL A 270 -2.25 21.22 -5.19
CA VAL A 270 -2.09 19.79 -5.41
C VAL A 270 -1.52 19.07 -4.20
N PRO A 271 -0.50 19.56 -3.49
CA PRO A 271 0.01 18.77 -2.36
C PRO A 271 -1.03 18.53 -1.28
N SER A 272 -1.90 19.51 -1.01
CA SER A 272 -3.02 19.28 -0.09
C SER A 272 -3.95 18.18 -0.61
N ALA A 273 -4.18 18.13 -1.92
CA ALA A 273 -5.01 17.08 -2.50
C ALA A 273 -4.34 15.72 -2.40
N VAL A 274 -3.01 15.67 -2.52
CA VAL A 274 -2.30 14.40 -2.37
C VAL A 274 -2.51 13.85 -0.95
N GLU A 275 -2.38 14.72 0.07
CA GLU A 275 -2.56 14.26 1.44
C GLU A 275 -4.00 13.82 1.69
N GLU A 276 -4.96 14.55 1.13
CA GLU A 276 -6.35 14.18 1.34
C GLU A 276 -6.67 12.85 0.65
N LEU A 277 -6.08 12.58 -0.52
CA LEU A 277 -6.27 11.29 -1.17
C LEU A 277 -5.74 10.17 -0.28
N LEU A 278 -4.57 10.39 0.34
CA LEU A 278 -4.01 9.40 1.26
C LEU A 278 -4.92 9.18 2.47
N ARG A 279 -5.69 10.20 2.89
CA ARG A 279 -6.66 9.96 3.95
C ARG A 279 -7.93 9.31 3.41
N TYR A 280 -8.43 9.79 2.27
CA TYR A 280 -9.77 9.48 1.80
C TYR A 280 -9.85 8.15 1.06
N THR A 281 -8.85 7.87 0.22
CA THR A 281 -8.89 6.72 -0.67
C THR A 281 -8.46 5.47 0.07
N PRO A 282 -9.33 4.47 0.22
CA PRO A 282 -8.98 3.27 0.98
C PRO A 282 -8.09 2.35 0.18
N LEU A 283 -7.17 1.68 0.87
CA LEU A 283 -6.22 0.81 0.17
C LEU A 283 -6.29 -0.60 0.72
N SER A 284 -5.77 -0.83 1.92
CA SER A 284 -5.75 -2.18 2.45
C SER A 284 -7.14 -2.60 2.88
N THR A 285 -7.46 -3.87 2.63
CA THR A 285 -8.67 -4.48 3.16
C THR A 285 -8.43 -5.19 4.49
N GLY A 286 -7.17 -5.27 4.93
CA GLY A 286 -6.87 -5.75 6.26
C GLY A 286 -6.37 -4.64 7.15
N SER A 287 -5.52 -4.99 8.13
CA SER A 287 -5.10 -4.07 9.17
C SER A 287 -3.60 -4.21 9.44
N VAL A 288 -2.95 -3.08 9.77
CA VAL A 288 -1.61 -3.18 10.35
C VAL A 288 -1.76 -3.94 11.67
N LYS A 289 -0.69 -4.63 12.08
CA LYS A 289 -0.86 -5.44 13.28
C LYS A 289 0.43 -5.47 14.08
N ARG A 290 0.26 -5.72 15.38
CA ARG A 290 1.33 -5.63 16.35
C ARG A 290 1.04 -6.66 17.44
N MET A 291 2.07 -7.29 17.98
CA MET A 291 1.85 -8.25 19.04
C MET A 291 2.35 -7.67 20.36
N ALA A 292 1.51 -7.76 21.40
CA ALA A 292 1.93 -7.43 22.75
C ALA A 292 3.11 -8.31 23.19
N THR A 293 4.23 -7.68 23.52
CA THR A 293 5.42 -8.40 23.98
C THR A 293 5.40 -8.64 25.49
N GLU A 294 4.43 -8.07 26.18
CA GLU A 294 4.18 -8.34 27.60
C GLU A 294 2.73 -7.97 27.83
N ASP A 295 2.24 -8.27 29.02
CA ASP A 295 0.88 -7.84 29.36
C ASP A 295 0.78 -6.33 29.29
N LEU A 296 -0.20 -5.85 28.53
CA LEU A 296 -0.35 -4.42 28.28
C LEU A 296 -1.81 -4.03 28.39
N GLU A 297 -2.06 -2.74 28.44
CA GLU A 297 -3.40 -2.19 28.58
C GLU A 297 -3.56 -1.06 27.59
N ILE A 298 -4.63 -1.09 26.82
CA ILE A 298 -4.94 -0.03 25.88
C ILE A 298 -6.31 0.52 26.23
N ASP A 299 -6.34 1.80 26.63
CA ASP A 299 -7.55 2.50 27.03
C ASP A 299 -8.45 1.65 27.92
N GLY A 300 -7.86 0.93 28.87
CA GLY A 300 -8.61 0.21 29.87
C GLY A 300 -8.81 -1.27 29.60
N VAL A 301 -8.41 -1.75 28.42
CA VAL A 301 -8.61 -3.15 28.05
C VAL A 301 -7.28 -3.86 28.15
N ARG A 302 -7.27 -4.98 28.87
CA ARG A 302 -6.06 -5.77 29.08
C ARG A 302 -5.73 -6.59 27.83
N ILE A 303 -4.50 -6.44 27.34
CA ILE A 303 -3.99 -7.22 26.21
C ILE A 303 -2.88 -8.12 26.74
N LYS A 304 -3.11 -9.43 26.72
CA LYS A 304 -2.11 -10.36 27.23
C LYS A 304 -0.93 -10.53 26.28
N ALA A 305 0.24 -10.76 26.88
CA ALA A 305 1.45 -11.04 26.12
C ALA A 305 1.20 -12.11 25.07
N GLY A 306 1.57 -11.81 23.81
CA GLY A 306 1.36 -12.74 22.72
C GLY A 306 0.07 -12.55 21.94
N GLU A 307 -0.85 -11.72 22.42
CA GLU A 307 -2.03 -11.40 21.63
C GLU A 307 -1.69 -10.33 20.61
N VAL A 308 -2.36 -10.40 19.45
CA VAL A 308 -2.11 -9.51 18.33
C VAL A 308 -3.21 -8.47 18.26
N VAL A 309 -2.84 -7.19 18.11
CA VAL A 309 -3.79 -6.09 17.98
C VAL A 309 -3.64 -5.52 16.58
N MET A 310 -4.78 -5.28 15.94
CA MET A 310 -4.86 -4.84 14.55
C MET A 310 -5.36 -3.40 14.56
N VAL A 311 -4.84 -2.56 13.67
CA VAL A 311 -5.40 -1.24 13.43
C VAL A 311 -5.83 -1.16 11.97
N SER A 312 -7.11 -0.86 11.72
CA SER A 312 -7.56 -0.59 10.36
C SER A 312 -7.26 0.88 10.03
N LEU A 313 -6.27 1.10 9.16
CA LEU A 313 -5.98 2.47 8.73
C LEU A 313 -7.18 3.12 8.09
N GLU A 314 -7.96 2.34 7.32
CA GLU A 314 -9.16 2.87 6.69
C GLU A 314 -10.16 3.37 7.73
N ALA A 315 -10.41 2.56 8.76
CA ALA A 315 -11.32 2.97 9.83
C ALA A 315 -10.83 4.25 10.50
N VAL A 316 -9.52 4.32 10.79
CA VAL A 316 -8.97 5.47 11.49
C VAL A 316 -9.08 6.73 10.64
N ASN A 317 -8.82 6.58 9.33
CA ASN A 317 -8.86 7.72 8.41
C ASN A 317 -10.28 8.25 8.22
N HIS A 318 -11.29 7.47 8.57
CA HIS A 318 -12.68 7.92 8.47
C HIS A 318 -13.32 8.13 9.84
N ASP A 319 -12.50 8.32 10.86
CA ASP A 319 -12.98 8.50 12.23
C ASP A 319 -13.48 9.92 12.39
N PRO A 320 -14.77 10.14 12.65
CA PRO A 320 -15.28 11.52 12.76
C PRO A 320 -14.76 12.29 13.96
N ASP A 321 -14.29 11.61 15.02
CA ASP A 321 -13.66 12.34 16.12
C ASP A 321 -12.35 12.98 15.70
N ALA A 322 -11.73 12.46 14.64
CA ALA A 322 -10.51 13.02 14.07
C ALA A 322 -10.79 13.96 12.91
N PHE A 323 -11.73 13.63 12.02
CA PHE A 323 -11.95 14.40 10.81
C PHE A 323 -13.42 14.74 10.69
N GLU A 324 -13.72 16.04 10.58
CA GLU A 324 -15.09 16.48 10.32
C GLU A 324 -15.51 16.03 8.93
N ASP A 325 -16.71 15.46 8.83
CA ASP A 325 -17.23 14.91 7.58
C ASP A 325 -16.19 13.96 6.96
N PRO A 326 -15.85 12.87 7.66
CA PRO A 326 -14.74 12.03 7.20
C PRO A 326 -14.98 11.36 5.85
N ASP A 327 -16.24 11.20 5.44
CA ASP A 327 -16.52 10.56 4.17
C ASP A 327 -16.59 11.56 3.01
N VAL A 328 -16.13 12.78 3.21
CA VAL A 328 -16.11 13.80 2.17
C VAL A 328 -14.68 14.01 1.74
N PHE A 329 -14.45 14.01 0.42
CA PHE A 329 -13.14 14.32 -0.15
C PHE A 329 -12.98 15.84 -0.15
N ARG A 330 -12.15 16.35 0.76
CA ARG A 330 -11.99 17.78 0.98
C ARG A 330 -10.50 18.15 1.03
N PRO A 331 -9.86 18.37 -0.12
CA PRO A 331 -8.50 18.90 -0.12
C PRO A 331 -8.38 20.16 0.72
N GLY A 332 -7.28 20.28 1.45
CA GLY A 332 -7.13 21.44 2.31
C GLY A 332 -7.94 21.43 3.58
N ARG A 333 -8.57 20.31 3.93
CA ARG A 333 -9.18 20.22 5.24
C ARG A 333 -8.09 20.37 6.29
N GLU A 334 -8.45 20.91 7.44
CA GLU A 334 -7.46 21.14 8.49
C GLU A 334 -7.83 20.24 9.67
N GLY A 335 -7.33 19.01 9.62
CA GLY A 335 -7.40 18.09 10.72
C GLY A 335 -6.02 17.53 10.99
N PRO A 336 -5.95 16.44 11.74
CA PRO A 336 -4.65 15.85 12.09
C PRO A 336 -4.08 15.02 10.94
N MET A 337 -2.83 14.57 11.13
CA MET A 337 -2.20 13.63 10.22
C MET A 337 -3.07 12.43 9.90
N HIS A 338 -3.18 12.11 8.61
CA HIS A 338 -3.80 10.88 8.18
C HIS A 338 -2.93 9.68 8.54
N PHE A 339 -3.54 8.49 8.43
CA PHE A 339 -2.88 7.23 8.70
C PHE A 339 -2.58 6.48 7.42
N GLY A 340 -2.63 7.14 6.26
CA GLY A 340 -2.43 6.43 5.00
C GLY A 340 -1.06 5.77 4.90
N PHE A 341 -0.05 6.30 5.59
CA PHE A 341 1.28 5.70 5.64
C PHE A 341 1.54 5.06 6.99
N GLY A 342 0.53 4.93 7.83
CA GLY A 342 0.73 4.36 9.14
C GLY A 342 1.12 5.42 10.15
N ARG A 343 1.91 5.02 11.14
CA ARG A 343 2.16 5.86 12.30
C ARG A 343 3.30 5.28 13.11
N GLY A 344 4.18 6.16 13.60
CA GLY A 344 5.21 5.71 14.52
C GLY A 344 6.44 5.22 13.81
N ARG A 345 7.14 4.27 14.44
CA ARG A 345 8.43 3.84 13.91
C ARG A 345 8.33 3.15 12.56
N HIS A 346 7.18 2.55 12.26
CA HIS A 346 7.03 1.80 11.03
C HIS A 346 6.30 2.57 9.95
N PHE A 347 6.12 3.87 10.15
CA PHE A 347 5.69 4.77 9.09
C PHE A 347 6.41 4.45 7.79
N CYS A 348 5.63 4.41 6.71
CA CYS A 348 6.09 3.87 5.42
C CYS A 348 7.37 4.58 4.96
N PRO A 349 8.50 3.87 4.83
CA PRO A 349 9.71 4.53 4.31
C PRO A 349 9.62 4.82 2.82
N GLY A 350 8.68 4.19 2.13
CA GLY A 350 8.38 4.52 0.76
C GLY A 350 7.54 5.76 0.60
N ASN A 351 7.25 6.48 1.69
CA ASN A 351 6.27 7.56 1.60
C ASN A 351 6.74 8.71 0.72
N ARG A 352 8.06 8.90 0.57
CA ARG A 352 8.56 10.00 -0.28
C ARG A 352 8.37 9.68 -1.75
N LEU A 353 8.73 8.47 -2.16
CA LEU A 353 8.51 8.05 -3.55
C LEU A 353 7.02 7.92 -3.87
N ALA A 354 6.26 7.32 -2.94
CA ALA A 354 4.81 7.27 -3.07
C ALA A 354 4.23 8.67 -3.31
N ARG A 355 4.56 9.63 -2.44
CA ARG A 355 4.02 10.97 -2.63
C ARG A 355 4.43 11.55 -3.96
N CYS A 356 5.64 11.23 -4.42
CA CYS A 356 6.13 11.79 -5.67
C CYS A 356 5.32 11.26 -6.85
N VAL A 357 5.02 9.96 -6.85
CA VAL A 357 4.26 9.40 -7.97
C VAL A 357 2.79 9.79 -7.88
N ILE A 358 2.25 9.92 -6.67
CA ILE A 358 0.87 10.39 -6.52
C ILE A 358 0.75 11.83 -7.00
N GLU A 359 1.66 12.70 -6.53
CA GLU A 359 1.61 14.09 -6.98
C GLU A 359 1.71 14.18 -8.50
N ALA A 360 2.60 13.40 -9.09
CA ALA A 360 2.77 13.44 -10.54
C ALA A 360 1.50 12.99 -11.25
N THR A 361 0.76 12.04 -10.66
CA THR A 361 -0.50 11.60 -11.24
C THR A 361 -1.59 12.68 -11.07
N VAL A 362 -1.67 13.27 -9.88
CA VAL A 362 -2.67 14.30 -9.63
C VAL A 362 -2.45 15.48 -10.57
N ARG A 363 -1.19 15.88 -10.79
CA ARG A 363 -0.92 17.01 -11.67
C ARG A 363 -1.21 16.66 -13.13
N ALA A 364 -0.91 15.43 -13.53
CA ALA A 364 -1.21 15.03 -14.90
C ALA A 364 -2.70 15.08 -15.16
N VAL A 365 -3.50 14.70 -14.15
CA VAL A 365 -4.95 14.77 -14.28
C VAL A 365 -5.43 16.21 -14.24
N ALA A 366 -4.87 17.03 -13.34
CA ALA A 366 -5.36 18.40 -13.19
C ALA A 366 -5.05 19.24 -14.42
N ARG A 367 -3.98 18.92 -15.16
CA ARG A 367 -3.67 19.69 -16.35
C ARG A 367 -4.63 19.42 -17.50
N ARG A 368 -5.43 18.36 -17.43
CA ARG A 368 -6.28 17.93 -18.53
C ARG A 368 -7.72 17.74 -18.06
N PRO A 369 -8.42 18.85 -17.76
CA PRO A 369 -9.81 18.72 -17.31
C PRO A 369 -10.67 18.11 -18.40
N GLY A 370 -11.77 17.50 -17.98
CA GLY A 370 -12.63 16.74 -18.85
C GLY A 370 -12.42 15.24 -18.77
N LEU A 371 -11.30 14.78 -18.21
CA LEU A 371 -11.11 13.34 -18.04
C LEU A 371 -12.21 12.77 -17.16
N ARG A 372 -12.86 11.69 -17.61
CA ARG A 372 -14.00 11.17 -16.88
C ARG A 372 -14.09 9.66 -17.06
N LEU A 373 -14.86 9.02 -16.20
CA LEU A 373 -15.13 7.60 -16.37
C LEU A 373 -15.98 7.38 -17.61
N ALA A 374 -15.72 6.28 -18.31
CA ALA A 374 -16.51 5.90 -19.47
C ALA A 374 -17.62 4.91 -19.13
N VAL A 375 -17.80 4.61 -17.85
CA VAL A 375 -18.87 3.78 -17.33
C VAL A 375 -19.29 4.38 -15.99
N ALA A 376 -20.37 3.83 -15.42
CA ALA A 376 -20.82 4.30 -14.12
C ALA A 376 -19.95 3.72 -13.01
N PRO A 377 -19.79 4.44 -11.88
CA PRO A 377 -18.96 3.91 -10.80
C PRO A 377 -19.35 2.51 -10.37
N GLU A 378 -20.64 2.18 -10.39
CA GLU A 378 -21.10 0.85 -10.00
C GLU A 378 -20.77 -0.21 -11.03
N GLU A 379 -20.42 0.19 -12.25
CA GLU A 379 -19.97 -0.71 -13.29
C GLU A 379 -18.50 -1.08 -13.16
N ILE A 380 -17.74 -0.39 -12.29
CA ILE A 380 -16.35 -0.76 -12.07
C ILE A 380 -16.29 -2.14 -11.43
N SER A 381 -15.44 -3.01 -11.95
CA SER A 381 -15.25 -4.35 -11.42
C SER A 381 -13.98 -4.37 -10.56
N TRP A 382 -14.05 -5.05 -9.41
CA TRP A 382 -12.97 -5.06 -8.44
C TRP A 382 -12.36 -6.45 -8.32
N HIS A 383 -11.03 -6.51 -8.27
CA HIS A 383 -10.40 -7.75 -7.82
C HIS A 383 -10.89 -8.08 -6.42
N GLU A 384 -11.34 -9.31 -6.21
CA GLU A 384 -11.95 -9.67 -4.93
C GLU A 384 -10.94 -10.43 -4.07
N GLY A 385 -10.69 -9.91 -2.87
CA GLY A 385 -9.91 -10.59 -1.87
C GLY A 385 -8.47 -10.14 -1.76
N LEU A 386 -8.05 -9.16 -2.56
CA LEU A 386 -6.70 -8.61 -2.43
C LEU A 386 -6.55 -7.86 -1.11
N PHE A 387 -5.37 -8.04 -0.48
CA PHE A 387 -4.97 -7.19 0.63
C PHE A 387 -5.05 -5.72 0.24
N PHE A 388 -4.66 -5.39 -1.00
CA PHE A 388 -4.60 -4.00 -1.44
C PHE A 388 -5.57 -3.87 -2.61
N ARG A 389 -6.67 -3.15 -2.37
CA ARG A 389 -7.76 -3.01 -3.34
C ARG A 389 -7.25 -2.57 -4.71
N ARG A 390 -7.84 -3.13 -5.75
CA ARG A 390 -7.53 -2.66 -7.08
C ARG A 390 -8.68 -3.00 -8.00
N PRO A 391 -9.13 -2.05 -8.80
CA PRO A 391 -10.16 -2.36 -9.80
C PRO A 391 -9.57 -3.17 -10.96
N ARG A 392 -10.42 -3.96 -11.61
CA ARG A 392 -9.92 -4.75 -12.73
CA ARG A 392 -9.94 -4.75 -12.74
C ARG A 392 -9.61 -3.87 -13.94
N ALA A 393 -10.28 -2.73 -14.05
CA ALA A 393 -10.09 -1.80 -15.15
C ALA A 393 -10.73 -0.48 -14.77
N ILE A 394 -10.23 0.61 -15.35
CA ILE A 394 -10.80 1.94 -15.17
C ILE A 394 -11.07 2.52 -16.55
N PRO A 395 -12.21 2.15 -17.17
CA PRO A 395 -12.56 2.70 -18.48
C PRO A 395 -12.79 4.20 -18.38
N ALA A 396 -12.13 4.95 -19.27
CA ALA A 396 -12.11 6.40 -19.12
C ALA A 396 -12.01 7.06 -20.49
N THR A 397 -12.26 8.36 -20.51
CA THR A 397 -12.27 9.08 -21.78
C THR A 397 -12.27 10.58 -21.51
N TRP A 398 -11.93 11.34 -22.57
N TRP A 398 -11.91 11.33 -22.56
CA TRP A 398 -12.15 12.79 -22.58
CA TRP A 398 -12.14 12.78 -22.56
C TRP A 398 -13.35 13.12 -23.46
C TRP A 398 -13.37 13.07 -23.43
CHA HEM B . 5.17 0.12 5.38
CHB HEM B . 8.08 0.42 1.54
CHC HEM B . 4.49 2.43 -1.01
CHD HEM B . 1.62 2.40 2.92
C1A HEM B . 6.24 -0.04 4.54
C2A HEM B . 7.47 -0.77 4.82
C3A HEM B . 8.25 -0.67 3.75
C4A HEM B . 7.57 0.11 2.77
CMA HEM B . 9.66 -1.30 3.56
CAA HEM B . 7.81 -1.54 6.12
CBA HEM B . 8.27 -0.55 7.17
CGA HEM B . 8.35 -1.24 8.52
O1A HEM B . 9.10 -0.69 9.35
O2A HEM B . 7.66 -2.27 8.74
C1B HEM B . 7.37 1.02 0.53
C2B HEM B . 7.91 1.30 -0.76
C3B HEM B . 6.94 1.87 -1.48
C4B HEM B . 5.73 1.94 -0.66
CMB HEM B . 9.36 1.00 -1.20
CAB HEM B . 7.14 2.30 -2.95
CBB HEM B . 6.28 3.11 -3.57
C1C HEM B . 3.38 2.58 -0.19
C2C HEM B . 2.11 3.20 -0.55
C3C HEM B . 1.33 3.17 0.56
C4C HEM B . 2.09 2.58 1.63
CMC HEM B . 1.75 3.73 -1.97
CAC HEM B . -0.10 3.67 0.84
CBC HEM B . -0.79 4.53 0.09
C1D HEM B . 2.35 1.80 3.94
C2D HEM B . 1.91 1.60 5.31
C3D HEM B . 2.89 0.97 5.99
C4D HEM B . 3.98 0.75 5.06
CMD HEM B . 0.57 2.03 5.89
CAD HEM B . 2.86 0.61 7.50
CBD HEM B . 2.59 -0.88 7.76
CGD HEM B . 2.70 -1.11 9.27
O1D HEM B . 2.62 -0.15 10.08
O2D HEM B . 2.87 -2.28 9.68
NA HEM B . 6.33 0.47 3.25
NB HEM B . 6.07 1.43 0.59
NC HEM B . 3.32 2.21 1.15
ND HEM B . 3.63 1.27 3.81
FE HEM B . 4.85 1.47 2.20
C10 3ZI C . -1.03 -4.89 5.96
C15 3ZI C . -1.06 -0.94 4.29
C20 3ZI C . 0.85 -2.45 4.38
C21 3ZI C . -0.41 -2.01 4.88
O01 3ZI C . 0.01 -6.20 7.69
C07 3ZI C . -0.93 -8.61 6.99
C08 3ZI C . -3.02 -6.20 4.87
C11 3ZI C . -0.92 -3.67 6.84
C12 3ZI C . -1.25 -2.45 5.93
C16 3ZI C . -0.46 -0.27 3.19
C18 3ZI C . 0.78 -0.71 2.68
C19 3ZI C . 1.43 -1.80 3.28
C02 3ZI C . -0.70 -6.19 6.74
C04 3ZI C . -2.09 -7.41 5.12
C05 3ZI C . -2.93 -8.74 5.64
C06 3ZI C . -1.92 -9.50 6.54
C13 3ZI C . -2.39 -1.63 5.95
F17 3ZI C . -1.10 0.78 2.62
N03 3ZI C . -1.31 -7.23 6.11
N09 3ZI C . -2.43 -4.85 5.35
N14 3ZI C . -2.25 -0.73 4.97
O22 3ZI C . -4.11 -6.27 4.37
CA CA D . 1.88 -18.83 17.70
#